data_7RG3
#
_entry.id   7RG3
#
_cell.length_a   78.731
_cell.length_b   89.960
_cell.length_c   100.549
_cell.angle_alpha   90.000
_cell.angle_beta   90.000
_cell.angle_gamma   90.000
#
_symmetry.space_group_name_H-M   'P 21 21 21'
#
loop_
_entity.id
_entity.type
_entity.pdbx_description
1 polymer 'Importin subunit alpha-1'
2 polymer ORF4b
3 water water
#
loop_
_entity_poly.entity_id
_entity_poly.type
_entity_poly.pdbx_seq_one_letter_code
_entity_poly.pdbx_strand_id
1 'polypeptide(L)'
;MHHHHHHSSGLVPRGSGMLETAAALFERNHMDSPDLGTDDDDLAMADIGSNQGTVNWSVEDIVKGINSNNLESQLQATQA
ARKLLSREKQPPIDNIIRAGLIPKFVSFLGKTDCSPIQFESAWALTNIASGTSEQTKAVVDGGAIPAFISLLASPHAHIS
EQAVWALGNIAGDGSAFRDLVIKHGAIDPLLALLAVPDLSTLACGYLRNLTWTLSNLCRNKNPAPPLDAVEQILPTLVRL
LHHNDPEVLADSCWAISYLTDGPNERIEMVVKKGVVPQLVKLLGATELPIVTPALRAIGNIVTGTDEQTQKVIDAGALAV
FPSLLTNPKTNIQKEATWTMSNITAGRQDQIQQVVNHGLVPFLVGVLSKADFKTQKEAAWAITNYTSGGTVEQIVYLVHC
GIIEPLMNLLSAKDTKIIQVILDAISNIFQAAEKLGETEKLSIMIEECGGLDKIEALQRHENESVYKASLNLIEKYFSVE
EEEDQNVVPETTSEGFAFQVQDGAPGTFNF
;
A
2 'polypeptide(L)' RKARKRSHSPTKKLRYVKARF B,C
#
# COMPACT_ATOMS: atom_id res chain seq x y z
N GLY A 53 20.76 -21.69 -31.67
CA GLY A 53 21.81 -21.99 -30.71
C GLY A 53 21.26 -22.54 -29.41
N THR A 54 20.90 -21.64 -28.49
CA THR A 54 20.33 -22.01 -27.21
C THR A 54 18.84 -21.73 -27.13
N VAL A 55 18.16 -21.69 -28.28
CA VAL A 55 16.75 -21.32 -28.35
C VAL A 55 15.92 -22.60 -28.51
N ASN A 56 14.85 -22.71 -27.72
CA ASN A 56 13.88 -23.78 -27.86
C ASN A 56 14.48 -25.16 -27.60
N TRP A 57 15.32 -25.25 -26.58
CA TRP A 57 15.82 -26.55 -26.15
C TRP A 57 14.74 -27.31 -25.40
N SER A 58 14.78 -28.62 -25.51
CA SER A 58 13.98 -29.46 -24.62
C SER A 58 14.63 -29.50 -23.24
N VAL A 59 13.81 -29.79 -22.22
CA VAL A 59 14.35 -29.94 -20.87
C VAL A 59 15.33 -31.10 -20.82
N GLU A 60 15.08 -32.14 -21.63
CA GLU A 60 16.00 -33.27 -21.69
C GLU A 60 17.39 -32.84 -22.13
N ASP A 61 17.47 -32.00 -23.17
CA ASP A 61 18.75 -31.53 -23.65
C ASP A 61 19.43 -30.62 -22.64
N ILE A 62 18.65 -29.76 -21.98
CA ILE A 62 19.21 -28.91 -20.92
C ILE A 62 19.84 -29.78 -19.85
N VAL A 63 19.14 -30.83 -19.43
CA VAL A 63 19.66 -31.72 -18.40
C VAL A 63 20.93 -32.40 -18.88
N LYS A 64 20.93 -32.88 -20.13
CA LYS A 64 22.11 -33.56 -20.65
C LYS A 64 23.32 -32.63 -20.66
N GLY A 65 23.11 -31.37 -21.04
CA GLY A 65 24.21 -30.42 -21.06
C GLY A 65 24.71 -30.06 -19.67
N ILE A 66 23.78 -29.81 -18.74
CA ILE A 66 24.17 -29.42 -17.39
C ILE A 66 24.85 -30.58 -16.68
N ASN A 67 24.50 -31.83 -17.02
CA ASN A 67 25.11 -32.99 -16.39
C ASN A 67 26.44 -33.37 -17.03
N SER A 68 26.81 -32.79 -18.16
CA SER A 68 28.14 -33.01 -18.68
C SER A 68 29.17 -32.38 -17.75
N ASN A 69 30.39 -32.91 -17.78
CA ASN A 69 31.49 -32.32 -17.03
C ASN A 69 32.28 -31.33 -17.86
N ASN A 70 31.60 -30.61 -18.75
CA ASN A 70 32.21 -29.61 -19.63
C ASN A 70 31.57 -28.27 -19.30
N LEU A 71 32.37 -27.37 -18.71
CA LEU A 71 31.82 -26.11 -18.23
C LEU A 71 31.17 -25.31 -19.34
N GLU A 72 31.71 -25.36 -20.55
CA GLU A 72 31.11 -24.61 -21.65
C GLU A 72 29.78 -25.22 -22.09
N SER A 73 29.70 -26.56 -22.11
CA SER A 73 28.43 -27.20 -22.39
C SER A 73 27.42 -26.88 -21.29
N GLN A 74 27.86 -26.87 -20.03
CA GLN A 74 26.98 -26.49 -18.93
C GLN A 74 26.49 -25.06 -19.11
N LEU A 75 27.37 -24.15 -19.50
CA LEU A 75 26.99 -22.75 -19.70
C LEU A 75 25.94 -22.64 -20.80
N GLN A 76 26.15 -23.33 -21.92
CA GLN A 76 25.18 -23.25 -23.01
C GLN A 76 23.83 -23.84 -22.59
N ALA A 77 23.83 -24.95 -21.87
CA ALA A 77 22.58 -25.52 -21.40
C ALA A 77 21.88 -24.61 -20.40
N THR A 78 22.66 -23.95 -19.52
CA THR A 78 22.05 -23.04 -18.55
C THR A 78 21.44 -21.83 -19.25
N GLN A 79 22.10 -21.32 -20.29
CA GLN A 79 21.51 -20.24 -21.07
C GLN A 79 20.24 -20.70 -21.77
N ALA A 80 20.23 -21.93 -22.29
CA ALA A 80 19.01 -22.45 -22.90
C ALA A 80 17.88 -22.50 -21.87
N ALA A 81 18.20 -22.92 -20.64
CA ALA A 81 17.21 -22.93 -19.57
C ALA A 81 16.72 -21.52 -19.25
N ARG A 82 17.64 -20.55 -19.20
CA ARG A 82 17.25 -19.17 -18.97
C ARG A 82 16.28 -18.69 -20.04
N LYS A 83 16.58 -18.97 -21.30
CA LYS A 83 15.70 -18.53 -22.38
C LYS A 83 14.34 -19.22 -22.29
N LEU A 84 14.33 -20.50 -21.93
CA LEU A 84 13.08 -21.22 -21.76
C LEU A 84 12.25 -20.61 -20.62
N LEU A 85 12.90 -20.24 -19.52
CA LEU A 85 12.22 -19.66 -18.37
C LEU A 85 11.87 -18.20 -18.56
N SER A 86 12.38 -17.55 -19.61
CA SER A 86 12.09 -16.16 -19.91
C SER A 86 11.03 -16.01 -21.00
N ARG A 87 10.39 -17.09 -21.41
CA ARG A 87 9.39 -17.02 -22.46
C ARG A 87 8.07 -16.49 -21.90
N GLU A 88 7.32 -15.81 -22.78
CA GLU A 88 6.14 -15.08 -22.33
C GLU A 88 5.11 -16.01 -21.72
N LYS A 89 4.70 -17.03 -22.48
CA LYS A 89 3.57 -17.88 -22.10
C LYS A 89 4.07 -19.15 -21.43
N GLN A 90 3.58 -19.41 -20.22
CA GLN A 90 3.74 -20.70 -19.55
C GLN A 90 5.20 -21.15 -19.51
N PRO A 91 6.08 -20.40 -18.86
CA PRO A 91 7.45 -20.87 -18.66
C PRO A 91 7.43 -22.17 -17.86
N PRO A 92 8.12 -23.22 -18.34
CA PRO A 92 8.00 -24.54 -17.70
C PRO A 92 8.77 -24.63 -16.40
N ILE A 93 8.38 -23.81 -15.42
CA ILE A 93 9.09 -23.77 -14.14
C ILE A 93 9.06 -25.14 -13.47
N ASP A 94 7.87 -25.75 -13.42
CA ASP A 94 7.73 -27.03 -12.72
C ASP A 94 8.54 -28.12 -13.41
N ASN A 95 8.62 -28.10 -14.74
CA ASN A 95 9.43 -29.08 -15.44
C ASN A 95 10.91 -28.92 -15.09
N ILE A 96 11.39 -27.68 -15.01
CA ILE A 96 12.78 -27.44 -14.65
C ILE A 96 13.05 -27.91 -13.23
N ILE A 97 12.11 -27.63 -12.31
CA ILE A 97 12.29 -28.07 -10.93
C ILE A 97 12.32 -29.60 -10.85
N ARG A 98 11.33 -30.24 -11.49
CA ARG A 98 11.25 -31.70 -11.46
C ARG A 98 12.49 -32.33 -12.09
N ALA A 99 13.11 -31.67 -13.06
CA ALA A 99 14.36 -32.17 -13.64
C ALA A 99 15.51 -32.13 -12.65
N GLY A 100 15.33 -31.51 -11.49
CA GLY A 100 16.39 -31.49 -10.49
C GLY A 100 17.48 -30.48 -10.75
N LEU A 101 17.18 -29.39 -11.47
CA LEU A 101 18.21 -28.47 -11.93
C LEU A 101 18.55 -27.37 -10.93
N ILE A 102 17.71 -27.12 -9.92
CA ILE A 102 17.98 -26.01 -9.00
C ILE A 102 19.33 -26.16 -8.31
N PRO A 103 19.71 -27.32 -7.77
CA PRO A 103 21.03 -27.42 -7.12
C PRO A 103 22.17 -27.11 -8.06
N LYS A 104 22.06 -27.51 -9.33
CA LYS A 104 23.11 -27.20 -10.30
C LYS A 104 23.22 -25.69 -10.51
N PHE A 105 22.08 -25.02 -10.72
CA PHE A 105 22.10 -23.56 -10.86
C PHE A 105 22.71 -22.90 -9.64
N VAL A 106 22.35 -23.37 -8.44
CA VAL A 106 22.88 -22.76 -7.22
C VAL A 106 24.40 -22.95 -7.16
N SER A 107 24.89 -24.13 -7.53
CA SER A 107 26.33 -24.34 -7.55
C SER A 107 26.99 -23.41 -8.57
N PHE A 108 26.35 -23.21 -9.72
CA PHE A 108 26.90 -22.32 -10.73
C PHE A 108 26.99 -20.89 -10.23
N LEU A 109 26.08 -20.50 -9.33
CA LEU A 109 26.17 -19.15 -8.77
C LEU A 109 27.54 -18.88 -8.16
N GLY A 110 28.22 -19.92 -7.68
CA GLY A 110 29.52 -19.79 -7.05
C GLY A 110 30.72 -19.91 -7.96
N LYS A 111 30.52 -19.95 -9.29
CA LYS A 111 31.62 -20.09 -10.24
C LYS A 111 32.22 -18.71 -10.54
N THR A 112 33.00 -18.21 -9.58
CA THR A 112 33.62 -16.90 -9.76
C THR A 112 34.48 -16.86 -11.01
N ASP A 113 35.04 -18.00 -11.42
CA ASP A 113 35.89 -18.07 -12.60
C ASP A 113 35.12 -18.00 -13.91
N CYS A 114 33.79 -18.14 -13.88
CA CYS A 114 32.97 -18.13 -15.10
C CYS A 114 31.75 -17.23 -14.86
N SER A 115 31.97 -15.93 -14.99
CA SER A 115 30.87 -14.98 -14.74
C SER A 115 29.66 -15.23 -15.63
N PRO A 116 29.80 -15.64 -16.90
CA PRO A 116 28.59 -15.90 -17.71
C PRO A 116 27.65 -16.93 -17.10
N ILE A 117 28.19 -18.03 -16.55
CA ILE A 117 27.29 -19.04 -16.00
C ILE A 117 26.70 -18.56 -14.69
N GLN A 118 27.44 -17.75 -13.92
CA GLN A 118 26.85 -17.09 -12.76
C GLN A 118 25.62 -16.29 -13.18
N PHE A 119 25.77 -15.49 -14.24
CA PHE A 119 24.66 -14.63 -14.68
C PHE A 119 23.48 -15.46 -15.19
N GLU A 120 23.75 -16.45 -16.05
CA GLU A 120 22.67 -17.26 -16.61
C GLU A 120 21.92 -18.00 -15.51
N SER A 121 22.64 -18.62 -14.57
CA SER A 121 21.98 -19.33 -13.48
C SER A 121 21.23 -18.38 -12.58
N ALA A 122 21.77 -17.17 -12.34
CA ALA A 122 21.05 -16.20 -11.52
C ALA A 122 19.74 -15.80 -12.17
N TRP A 123 19.75 -15.60 -13.49
CA TRP A 123 18.53 -15.25 -14.21
C TRP A 123 17.52 -16.39 -14.16
N ALA A 124 17.96 -17.62 -14.44
CA ALA A 124 17.07 -18.77 -14.37
C ALA A 124 16.43 -18.89 -12.99
N LEU A 125 17.25 -18.75 -11.94
CA LEU A 125 16.73 -18.91 -10.58
C LEU A 125 15.81 -17.75 -10.21
N THR A 126 16.13 -16.54 -10.66
CA THR A 126 15.23 -15.41 -10.48
C THR A 126 13.86 -15.75 -11.03
N ASN A 127 13.81 -16.31 -12.23
CA ASN A 127 12.50 -16.54 -12.86
C ASN A 127 11.77 -17.71 -12.21
N ILE A 128 12.50 -18.73 -11.74
CA ILE A 128 11.85 -19.77 -10.95
C ILE A 128 11.25 -19.17 -9.67
N ALA A 129 12.03 -18.31 -8.99
CA ALA A 129 11.58 -17.71 -7.74
C ALA A 129 10.43 -16.72 -7.94
N SER A 130 10.18 -16.30 -9.19
CA SER A 130 9.10 -15.36 -9.48
C SER A 130 7.72 -16.00 -9.44
N GLY A 131 7.64 -17.32 -9.31
CA GLY A 131 6.36 -18.01 -9.43
C GLY A 131 5.65 -18.22 -8.12
N THR A 132 5.09 -19.41 -7.93
CA THR A 132 4.30 -19.70 -6.76
C THR A 132 5.19 -19.79 -5.52
N SER A 133 4.54 -19.82 -4.35
CA SER A 133 5.31 -19.98 -3.12
C SER A 133 6.07 -21.30 -3.10
N GLU A 134 5.52 -22.35 -3.70
CA GLU A 134 6.23 -23.63 -3.75
C GLU A 134 7.48 -23.53 -4.62
N GLN A 135 7.41 -22.80 -5.73
CA GLN A 135 8.57 -22.66 -6.60
C GLN A 135 9.64 -21.77 -5.96
N THR A 136 9.23 -20.65 -5.37
CA THR A 136 10.17 -19.84 -4.59
C THR A 136 10.82 -20.66 -3.50
N LYS A 137 10.02 -21.49 -2.82
CA LYS A 137 10.56 -22.35 -1.77
C LYS A 137 11.57 -23.33 -2.34
N ALA A 138 11.30 -23.86 -3.54
CA ALA A 138 12.28 -24.76 -4.16
C ALA A 138 13.61 -24.03 -4.34
N VAL A 139 13.56 -22.76 -4.75
CA VAL A 139 14.79 -22.00 -4.91
C VAL A 139 15.50 -21.82 -3.56
N VAL A 140 14.74 -21.45 -2.53
CA VAL A 140 15.33 -21.24 -1.21
C VAL A 140 15.93 -22.54 -0.68
N ASP A 141 15.22 -23.66 -0.82
CA ASP A 141 15.69 -24.93 -0.30
C ASP A 141 16.98 -25.39 -0.98
N GLY A 142 17.25 -24.90 -2.18
CA GLY A 142 18.51 -25.21 -2.84
C GLY A 142 19.72 -24.46 -2.30
N GLY A 143 19.52 -23.59 -1.32
CA GLY A 143 20.61 -22.79 -0.79
C GLY A 143 20.86 -21.49 -1.52
N ALA A 144 19.87 -20.96 -2.23
CA ALA A 144 20.11 -19.82 -3.11
C ALA A 144 20.35 -18.52 -2.34
N ILE A 145 19.80 -18.38 -1.14
CA ILE A 145 19.84 -17.07 -0.46
C ILE A 145 21.27 -16.63 -0.20
N PRO A 146 22.10 -17.42 0.48
CA PRO A 146 23.49 -16.96 0.71
C PRO A 146 24.31 -16.83 -0.56
N ALA A 147 24.04 -17.65 -1.58
CA ALA A 147 24.77 -17.51 -2.84
C ALA A 147 24.44 -16.19 -3.52
N PHE A 148 23.16 -15.81 -3.55
CA PHE A 148 22.79 -14.52 -4.11
C PHE A 148 23.36 -13.37 -3.30
N ILE A 149 23.34 -13.49 -1.97
CA ILE A 149 23.91 -12.42 -1.15
C ILE A 149 25.40 -12.27 -1.46
N SER A 150 26.10 -13.39 -1.64
CA SER A 150 27.52 -13.31 -2.01
C SER A 150 27.69 -12.65 -3.37
N LEU A 151 26.73 -12.84 -4.29
CA LEU A 151 26.84 -12.22 -5.60
C LEU A 151 26.54 -10.72 -5.58
N LEU A 152 25.84 -10.24 -4.53
CA LEU A 152 25.60 -8.80 -4.46
C LEU A 152 26.88 -7.99 -4.62
N ALA A 153 28.01 -8.50 -4.15
CA ALA A 153 29.28 -7.80 -4.22
C ALA A 153 30.08 -8.13 -5.48
N SER A 154 29.44 -8.73 -6.49
CA SER A 154 30.15 -9.06 -7.71
C SER A 154 30.68 -7.80 -8.39
N PRO A 155 31.86 -7.87 -9.03
CA PRO A 155 32.33 -6.74 -9.83
C PRO A 155 31.55 -6.54 -11.12
N HIS A 156 30.73 -7.50 -11.52
CA HIS A 156 29.94 -7.38 -12.75
C HIS A 156 28.56 -6.84 -12.38
N ALA A 157 28.23 -5.67 -12.93
CA ALA A 157 27.02 -4.97 -12.51
C ALA A 157 25.76 -5.77 -12.83
N HIS A 158 25.74 -6.45 -13.98
CA HIS A 158 24.53 -7.19 -14.35
C HIS A 158 24.32 -8.40 -13.45
N ILE A 159 25.40 -9.00 -12.94
CA ILE A 159 25.27 -10.12 -12.00
C ILE A 159 24.75 -9.62 -10.66
N SER A 160 25.33 -8.52 -10.15
CA SER A 160 24.83 -7.94 -8.90
C SER A 160 23.36 -7.57 -9.00
N GLU A 161 22.98 -6.94 -10.13
CA GLU A 161 21.58 -6.60 -10.34
C GLU A 161 20.69 -7.84 -10.34
N GLN A 162 21.14 -8.90 -11.01
CA GLN A 162 20.32 -10.11 -11.05
C GLN A 162 20.14 -10.71 -9.66
N ALA A 163 21.19 -10.65 -8.83
CA ALA A 163 21.07 -11.13 -7.46
C ALA A 163 20.11 -10.28 -6.66
N VAL A 164 20.16 -8.95 -6.84
CA VAL A 164 19.19 -8.07 -6.20
C VAL A 164 17.77 -8.50 -6.57
N TRP A 165 17.53 -8.71 -7.87
CA TRP A 165 16.21 -9.10 -8.35
C TRP A 165 15.75 -10.41 -7.73
N ALA A 166 16.63 -11.42 -7.72
CA ALA A 166 16.26 -12.71 -7.16
C ALA A 166 15.91 -12.60 -5.69
N LEU A 167 16.73 -11.86 -4.93
CA LEU A 167 16.43 -11.67 -3.51
C LEU A 167 15.11 -10.92 -3.33
N GLY A 168 14.79 -10.01 -4.26
CA GLY A 168 13.49 -9.36 -4.22
C GLY A 168 12.33 -10.32 -4.37
N ASN A 169 12.43 -11.25 -5.32
CA ASN A 169 11.37 -12.26 -5.46
C ASN A 169 11.24 -13.10 -4.20
N ILE A 170 12.38 -13.56 -3.67
CA ILE A 170 12.35 -14.41 -2.49
C ILE A 170 11.70 -13.67 -1.32
N ALA A 171 12.16 -12.45 -1.03
CA ALA A 171 11.57 -11.68 0.06
C ALA A 171 10.10 -11.38 -0.20
N GLY A 172 9.73 -11.15 -1.46
CA GLY A 172 8.36 -10.84 -1.80
C GLY A 172 7.41 -12.00 -1.61
N ASP A 173 7.94 -13.21 -1.46
CA ASP A 173 7.05 -14.34 -1.16
C ASP A 173 6.22 -14.10 0.11
N GLY A 174 6.83 -13.55 1.16
CA GLY A 174 6.12 -13.40 2.40
C GLY A 174 7.05 -13.09 3.56
N SER A 175 6.45 -12.94 4.74
CA SER A 175 7.21 -12.47 5.90
C SER A 175 8.29 -13.46 6.31
N ALA A 176 8.03 -14.76 6.16
CA ALA A 176 9.03 -15.75 6.58
C ALA A 176 10.28 -15.67 5.71
N PHE A 177 10.13 -15.70 4.39
CA PHE A 177 11.31 -15.61 3.52
C PHE A 177 11.92 -14.21 3.56
N ARG A 178 11.10 -13.18 3.75
CA ARG A 178 11.63 -11.84 3.98
C ARG A 178 12.60 -11.84 5.15
N ASP A 179 12.15 -12.34 6.30
CA ASP A 179 12.98 -12.35 7.50
C ASP A 179 14.17 -13.29 7.34
N LEU A 180 14.02 -14.35 6.54
CA LEU A 180 15.15 -15.25 6.32
C LEU A 180 16.23 -14.59 5.47
N VAL A 181 15.81 -13.85 4.43
CA VAL A 181 16.76 -13.05 3.65
C VAL A 181 17.47 -12.07 4.56
N ILE A 182 16.73 -11.44 5.48
CA ILE A 182 17.36 -10.49 6.39
C ILE A 182 18.36 -11.20 7.29
N LYS A 183 18.01 -12.37 7.82
CA LYS A 183 18.89 -13.08 8.74
C LYS A 183 20.18 -13.52 8.05
N HIS A 184 20.13 -13.83 6.76
CA HIS A 184 21.34 -14.19 6.02
C HIS A 184 22.24 -12.98 5.74
N GLY A 185 21.80 -11.77 6.07
CA GLY A 185 22.65 -10.59 5.97
C GLY A 185 22.56 -9.81 4.68
N ALA A 186 21.38 -9.71 4.07
CA ALA A 186 21.26 -9.06 2.77
C ALA A 186 21.29 -7.54 2.86
N ILE A 187 20.86 -6.97 4.00
CA ILE A 187 20.61 -5.53 4.04
C ILE A 187 21.91 -4.76 3.88
N ASP A 188 22.96 -5.16 4.60
CA ASP A 188 24.22 -4.41 4.51
C ASP A 188 24.74 -4.33 3.08
N PRO A 189 24.92 -5.44 2.35
CA PRO A 189 25.41 -5.31 0.96
C PRO A 189 24.42 -4.59 0.06
N LEU A 190 23.11 -4.81 0.23
CA LEU A 190 22.15 -4.08 -0.58
C LEU A 190 22.33 -2.58 -0.41
N LEU A 191 22.35 -2.11 0.85
CA LEU A 191 22.48 -0.68 1.10
C LEU A 191 23.85 -0.16 0.67
N ALA A 192 24.89 -0.99 0.77
CA ALA A 192 26.21 -0.58 0.27
C ALA A 192 26.16 -0.30 -1.23
N LEU A 193 25.32 -1.02 -1.98
CA LEU A 193 25.20 -0.73 -3.40
C LEU A 193 24.68 0.68 -3.66
N LEU A 194 23.95 1.25 -2.71
CA LEU A 194 23.37 2.58 -2.85
C LEU A 194 24.17 3.68 -2.15
N ALA A 195 25.34 3.35 -1.62
CA ALA A 195 26.16 4.32 -0.88
C ALA A 195 27.05 5.06 -1.88
N VAL A 196 26.42 5.98 -2.61
CA VAL A 196 27.12 6.81 -3.59
C VAL A 196 26.75 8.26 -3.32
N PRO A 197 27.61 9.22 -3.70
CA PRO A 197 27.26 10.63 -3.44
C PRO A 197 26.02 11.09 -4.16
N ASP A 198 25.76 10.60 -5.36
CA ASP A 198 24.63 11.04 -6.17
C ASP A 198 24.01 9.81 -6.84
N LEU A 199 22.77 9.48 -6.46
CA LEU A 199 22.08 8.34 -7.03
C LEU A 199 21.98 8.41 -8.55
N SER A 200 22.07 9.62 -9.12
CA SER A 200 21.92 9.77 -10.57
C SER A 200 23.05 9.11 -11.35
N THR A 201 24.17 8.80 -10.70
CA THR A 201 25.26 8.13 -11.39
C THR A 201 24.97 6.65 -11.65
N LEU A 202 24.01 6.06 -10.94
CA LEU A 202 23.69 4.66 -11.11
C LEU A 202 22.79 4.46 -12.32
N ALA A 203 22.91 3.30 -12.95
CA ALA A 203 22.01 2.95 -14.04
C ALA A 203 20.57 2.94 -13.56
N CYS A 204 19.67 3.43 -14.41
CA CYS A 204 18.28 3.59 -14.00
C CYS A 204 17.65 2.26 -13.60
N GLY A 205 17.80 1.23 -14.44
CA GLY A 205 17.20 -0.06 -14.13
C GLY A 205 17.78 -0.68 -12.87
N TYR A 206 19.10 -0.57 -12.69
CA TYR A 206 19.76 -1.05 -11.48
C TYR A 206 19.15 -0.41 -10.24
N LEU A 207 19.01 0.92 -10.26
CA LEU A 207 18.48 1.63 -9.10
C LEU A 207 17.02 1.26 -8.85
N ARG A 208 16.24 1.11 -9.92
CA ARG A 208 14.84 0.71 -9.77
C ARG A 208 14.74 -0.68 -9.13
N ASN A 209 15.59 -1.62 -9.55
CA ASN A 209 15.54 -2.95 -8.97
C ASN A 209 15.96 -2.93 -7.51
N LEU A 210 16.99 -2.15 -7.17
CA LEU A 210 17.38 -2.02 -5.77
C LEU A 210 16.24 -1.46 -4.92
N THR A 211 15.60 -0.40 -5.42
CA THR A 211 14.48 0.20 -4.69
C THR A 211 13.35 -0.80 -4.50
N TRP A 212 13.02 -1.56 -5.55
CA TRP A 212 11.94 -2.53 -5.47
C TRP A 212 12.25 -3.62 -4.44
N THR A 213 13.48 -4.15 -4.46
CA THR A 213 13.83 -5.20 -3.51
C THR A 213 13.81 -4.68 -2.08
N LEU A 214 14.31 -3.46 -1.86
CA LEU A 214 14.19 -2.87 -0.52
C LEU A 214 12.73 -2.74 -0.11
N SER A 215 11.86 -2.33 -1.04
CA SER A 215 10.45 -2.20 -0.69
C SER A 215 9.88 -3.54 -0.25
N ASN A 216 10.26 -4.62 -0.93
CA ASN A 216 9.83 -5.95 -0.49
C ASN A 216 10.39 -6.31 0.89
N LEU A 217 11.60 -5.84 1.21
CA LEU A 217 12.10 -6.06 2.56
C LEU A 217 11.32 -5.27 3.59
N CYS A 218 10.64 -4.21 3.19
CA CYS A 218 9.75 -3.46 4.09
C CYS A 218 8.34 -4.02 4.14
N ARG A 219 8.02 -5.01 3.32
CA ARG A 219 6.64 -5.39 3.04
C ARG A 219 6.17 -6.51 3.97
N ASN A 220 4.84 -6.63 4.07
CA ASN A 220 4.14 -7.72 4.75
C ASN A 220 4.09 -7.53 6.27
N LYS A 221 3.10 -8.17 6.90
CA LYS A 221 2.84 -8.05 8.32
C LYS A 221 2.64 -9.46 8.90
N ASN A 222 2.39 -9.51 10.21
CA ASN A 222 2.18 -10.77 10.91
C ASN A 222 3.31 -11.76 10.63
N PRO A 223 4.56 -11.43 11.01
CA PRO A 223 4.96 -10.18 11.65
C PRO A 223 5.40 -9.09 10.67
N ALA A 224 5.46 -7.86 11.15
CA ALA A 224 6.08 -6.78 10.41
C ALA A 224 7.60 -6.99 10.42
N PRO A 225 8.34 -6.29 9.56
CA PRO A 225 9.80 -6.50 9.50
C PRO A 225 10.45 -6.18 10.83
N PRO A 226 11.62 -6.76 11.11
CA PRO A 226 12.29 -6.47 12.39
C PRO A 226 12.59 -4.98 12.53
N LEU A 227 12.38 -4.47 13.76
CA LEU A 227 12.56 -3.03 13.98
C LEU A 227 13.95 -2.57 13.59
N ASP A 228 14.98 -3.36 13.92
CA ASP A 228 16.35 -2.95 13.59
C ASP A 228 16.59 -2.91 12.09
N ALA A 229 15.97 -3.84 11.35
CA ALA A 229 16.10 -3.80 9.89
C ALA A 229 15.43 -2.55 9.31
N VAL A 230 14.25 -2.19 9.85
CA VAL A 230 13.56 -0.98 9.40
C VAL A 230 14.42 0.24 9.68
N GLU A 231 15.01 0.32 10.89
CA GLU A 231 15.87 1.45 11.21
C GLU A 231 17.09 1.50 10.30
N GLN A 232 17.62 0.33 9.93
CA GLN A 232 18.78 0.27 9.05
C GLN A 232 18.42 0.76 7.64
N ILE A 233 17.22 0.43 7.17
CA ILE A 233 16.84 0.75 5.79
C ILE A 233 16.30 2.17 5.65
N LEU A 234 15.61 2.70 6.66
CA LEU A 234 14.87 3.94 6.50
C LEU A 234 15.69 5.11 5.95
N PRO A 235 16.93 5.36 6.39
CA PRO A 235 17.67 6.51 5.84
C PRO A 235 17.86 6.44 4.33
N THR A 236 18.23 5.27 3.81
CA THR A 236 18.35 5.10 2.37
C THR A 236 17.00 5.29 1.69
N LEU A 237 15.93 4.87 2.35
CA LEU A 237 14.58 5.08 1.81
C LEU A 237 14.25 6.57 1.72
N VAL A 238 14.61 7.37 2.72
CA VAL A 238 14.38 8.80 2.64
C VAL A 238 15.12 9.39 1.44
N ARG A 239 16.39 9.00 1.30
CA ARG A 239 17.17 9.48 0.15
C ARG A 239 16.50 9.09 -1.17
N LEU A 240 16.04 7.85 -1.28
CA LEU A 240 15.38 7.43 -2.52
C LEU A 240 14.08 8.18 -2.74
N LEU A 241 13.37 8.52 -1.66
CA LEU A 241 12.15 9.28 -1.76
C LEU A 241 12.40 10.68 -2.31
N HIS A 242 13.65 11.16 -2.24
CA HIS A 242 13.98 12.44 -2.87
C HIS A 242 14.57 12.28 -4.27
N HIS A 243 14.56 11.08 -4.83
CA HIS A 243 15.10 10.86 -6.17
C HIS A 243 14.09 11.34 -7.22
N ASN A 244 14.57 11.49 -8.46
CA ASN A 244 13.77 12.07 -9.52
C ASN A 244 13.10 11.05 -10.43
N ASP A 245 13.44 9.78 -10.34
CA ASP A 245 12.86 8.79 -11.26
C ASP A 245 11.46 8.40 -10.78
N PRO A 246 10.46 8.41 -11.68
CA PRO A 246 9.09 8.11 -11.22
C PRO A 246 8.93 6.70 -10.64
N GLU A 247 9.61 5.69 -11.18
CA GLU A 247 9.44 4.34 -10.66
C GLU A 247 10.12 4.18 -9.30
N VAL A 248 11.31 4.78 -9.14
CA VAL A 248 11.95 4.78 -7.84
C VAL A 248 11.07 5.48 -6.81
N LEU A 249 10.50 6.62 -7.18
CA LEU A 249 9.61 7.33 -6.28
C LEU A 249 8.39 6.49 -5.91
N ALA A 250 7.78 5.84 -6.90
CA ALA A 250 6.61 5.01 -6.63
C ALA A 250 6.96 3.89 -5.66
N ASP A 251 8.05 3.18 -5.90
CA ASP A 251 8.40 2.05 -5.03
C ASP A 251 8.85 2.51 -3.64
N SER A 252 9.51 3.68 -3.55
CA SER A 252 9.85 4.22 -2.24
C SER A 252 8.59 4.59 -1.45
N CYS A 253 7.62 5.18 -2.13
CA CYS A 253 6.34 5.47 -1.47
C CYS A 253 5.65 4.19 -1.04
N TRP A 254 5.70 3.15 -1.87
CA TRP A 254 5.11 1.87 -1.47
C TRP A 254 5.81 1.34 -0.21
N ALA A 255 7.13 1.40 -0.18
CA ALA A 255 7.86 0.96 1.01
C ALA A 255 7.42 1.73 2.24
N ILE A 256 7.29 3.05 2.13
CA ILE A 256 6.86 3.85 3.26
C ILE A 256 5.44 3.48 3.67
N SER A 257 4.57 3.19 2.69
CA SER A 257 3.21 2.81 3.00
C SER A 257 3.16 1.49 3.75
N TYR A 258 4.04 0.56 3.39
CA TYR A 258 4.15 -0.69 4.15
C TYR A 258 4.58 -0.40 5.58
N LEU A 259 5.61 0.44 5.73
CA LEU A 259 6.16 0.69 7.06
C LEU A 259 5.20 1.46 7.97
N THR A 260 4.28 2.23 7.40
CA THR A 260 3.29 2.95 8.19
C THR A 260 2.01 2.16 8.41
N ASP A 261 1.89 0.98 7.81
CA ASP A 261 0.73 0.11 8.00
C ASP A 261 0.98 -0.74 9.24
N GLY A 262 0.73 -0.14 10.41
CA GLY A 262 0.94 -0.82 11.67
C GLY A 262 0.63 0.05 12.87
N PRO A 263 1.09 -0.37 14.05
CA PRO A 263 0.84 0.41 15.27
C PRO A 263 1.56 1.76 15.23
N ASN A 264 1.17 2.62 16.17
CA ASN A 264 1.67 3.99 16.17
C ASN A 264 3.19 4.06 16.32
N GLU A 265 3.82 3.02 16.86
CA GLU A 265 5.28 3.05 17.01
C GLU A 265 5.98 2.95 15.66
N ARG A 266 5.45 2.12 14.75
CA ARG A 266 6.01 2.06 13.40
C ARG A 266 5.81 3.38 12.65
N ILE A 267 4.58 3.90 12.71
CA ILE A 267 4.30 5.20 12.12
C ILE A 267 5.28 6.23 12.65
N GLU A 268 5.55 6.19 13.96
CA GLU A 268 6.44 7.16 14.57
C GLU A 268 7.87 7.00 14.05
N MET A 269 8.33 5.75 13.92
CA MET A 269 9.63 5.51 13.30
C MET A 269 9.73 6.23 11.97
N VAL A 270 8.65 6.18 11.18
CA VAL A 270 8.69 6.80 9.86
C VAL A 270 8.66 8.33 9.97
N VAL A 271 7.70 8.86 10.74
CA VAL A 271 7.50 10.31 10.75
C VAL A 271 8.68 11.02 11.41
N LYS A 272 9.40 10.35 12.31
CA LYS A 272 10.58 10.96 12.91
C LYS A 272 11.62 11.31 11.87
N LYS A 273 11.64 10.60 10.73
CA LYS A 273 12.63 10.87 9.69
C LYS A 273 12.34 12.15 8.93
N GLY A 274 11.20 12.80 9.18
CA GLY A 274 10.87 14.03 8.49
C GLY A 274 10.40 13.86 7.07
N VAL A 275 9.77 12.72 6.74
CA VAL A 275 9.38 12.45 5.37
C VAL A 275 7.98 12.96 5.01
N VAL A 276 7.18 13.38 5.99
CA VAL A 276 5.79 13.74 5.70
C VAL A 276 5.70 14.86 4.65
N PRO A 277 6.48 15.94 4.74
CA PRO A 277 6.41 16.97 3.69
C PRO A 277 6.71 16.44 2.29
N GLN A 278 7.72 15.58 2.14
CA GLN A 278 8.00 15.00 0.84
C GLN A 278 6.85 14.11 0.38
N LEU A 279 6.22 13.39 1.32
CA LEU A 279 5.06 12.59 0.98
C LEU A 279 3.91 13.46 0.48
N VAL A 280 3.70 14.62 1.09
CA VAL A 280 2.63 15.52 0.62
C VAL A 280 2.96 16.06 -0.76
N LYS A 281 4.22 16.47 -0.98
CA LYS A 281 4.64 16.89 -2.30
C LYS A 281 4.34 15.81 -3.34
N LEU A 282 4.68 14.56 -3.02
CA LEU A 282 4.41 13.47 -3.95
C LEU A 282 2.92 13.22 -4.10
N LEU A 283 2.16 13.46 -3.04
CA LEU A 283 0.71 13.39 -3.13
C LEU A 283 0.19 14.34 -4.20
N GLY A 284 0.87 15.46 -4.39
CA GLY A 284 0.51 16.36 -5.47
C GLY A 284 1.05 16.00 -6.85
N ALA A 285 1.64 14.82 -7.03
CA ALA A 285 2.28 14.49 -8.29
C ALA A 285 1.25 14.18 -9.39
N THR A 286 1.70 14.24 -10.64
CA THR A 286 0.82 13.97 -11.77
C THR A 286 0.73 12.48 -12.07
N GLU A 287 1.77 11.72 -11.77
CA GLU A 287 1.78 10.29 -12.08
C GLU A 287 0.96 9.53 -11.03
N LEU A 288 -0.11 8.89 -11.48
CA LEU A 288 -0.94 8.11 -10.56
C LEU A 288 -0.16 7.01 -9.86
N PRO A 289 0.81 6.32 -10.49
CA PRO A 289 1.59 5.33 -9.76
C PRO A 289 2.35 5.91 -8.59
N ILE A 290 2.57 7.23 -8.56
CA ILE A 290 3.17 7.88 -7.40
C ILE A 290 2.09 8.31 -6.41
N VAL A 291 1.01 8.90 -6.90
CA VAL A 291 -0.02 9.42 -6.01
C VAL A 291 -0.64 8.29 -5.20
N THR A 292 -0.83 7.12 -5.81
CA THR A 292 -1.48 6.02 -5.10
C THR A 292 -0.74 5.62 -3.84
N PRO A 293 0.56 5.27 -3.90
CA PRO A 293 1.26 4.90 -2.66
C PRO A 293 1.47 6.07 -1.71
N ALA A 294 1.71 7.28 -2.23
CA ALA A 294 1.82 8.44 -1.36
C ALA A 294 0.54 8.64 -0.55
N LEU A 295 -0.61 8.53 -1.21
CA LEU A 295 -1.89 8.67 -0.50
C LEU A 295 -2.09 7.53 0.50
N ARG A 296 -1.71 6.31 0.13
CA ARG A 296 -1.81 5.21 1.09
C ARG A 296 -0.96 5.50 2.33
N ALA A 297 0.25 6.01 2.14
CA ALA A 297 1.12 6.31 3.27
C ALA A 297 0.54 7.40 4.15
N ILE A 298 0.01 8.46 3.54
CA ILE A 298 -0.57 9.54 4.33
C ILE A 298 -1.78 9.03 5.12
N GLY A 299 -2.63 8.21 4.48
CA GLY A 299 -3.77 7.66 5.20
C GLY A 299 -3.35 6.80 6.38
N ASN A 300 -2.37 5.92 6.16
CA ASN A 300 -1.84 5.12 7.25
C ASN A 300 -1.35 6.01 8.39
N ILE A 301 -0.62 7.07 8.04
CA ILE A 301 -0.07 7.94 9.08
C ILE A 301 -1.20 8.58 9.88
N VAL A 302 -2.27 9.03 9.20
CA VAL A 302 -3.36 9.66 9.95
C VAL A 302 -4.21 8.65 10.70
N THR A 303 -3.98 7.34 10.50
CA THR A 303 -4.59 6.41 11.45
C THR A 303 -3.89 6.41 12.82
N GLY A 304 -2.82 7.19 13.00
CA GLY A 304 -2.06 7.16 14.24
C GLY A 304 -2.59 8.12 15.30
N THR A 305 -1.68 8.76 16.03
CA THR A 305 -2.05 9.67 17.09
C THR A 305 -2.45 11.02 16.50
N ASP A 306 -3.05 11.86 17.35
CA ASP A 306 -3.44 13.20 16.91
C ASP A 306 -2.22 14.03 16.50
N GLU A 307 -1.07 13.79 17.14
CA GLU A 307 0.13 14.57 16.80
C GLU A 307 0.68 14.17 15.44
N GLN A 308 0.62 12.88 15.10
CA GLN A 308 1.07 12.45 13.77
C GLN A 308 0.13 12.98 12.69
N THR A 309 -1.18 12.87 12.91
CA THR A 309 -2.15 13.49 12.01
C THR A 309 -1.85 14.98 11.85
N GLN A 310 -1.47 15.63 12.95
CA GLN A 310 -1.16 17.06 12.88
C GLN A 310 0.09 17.32 12.04
N LYS A 311 1.06 16.42 12.10
CA LYS A 311 2.21 16.54 11.19
C LYS A 311 1.75 16.48 9.73
N VAL A 312 0.79 15.61 9.44
CA VAL A 312 0.25 15.56 8.07
C VAL A 312 -0.42 16.88 7.72
N ILE A 313 -1.22 17.43 8.63
CA ILE A 313 -1.93 18.68 8.34
C ILE A 313 -0.95 19.83 8.16
N ASP A 314 0.04 19.94 9.06
CA ASP A 314 0.99 21.04 9.00
C ASP A 314 1.78 21.04 7.71
N ALA A 315 1.99 19.85 7.12
CA ALA A 315 2.73 19.77 5.86
C ALA A 315 1.91 20.24 4.68
N GLY A 316 0.63 20.57 4.87
CA GLY A 316 -0.20 21.10 3.80
C GLY A 316 -1.03 20.08 3.06
N ALA A 317 -1.28 18.91 3.64
CA ALA A 317 -1.94 17.84 2.90
C ALA A 317 -3.36 18.23 2.51
N LEU A 318 -4.09 18.93 3.38
CA LEU A 318 -5.49 19.21 3.12
C LEU A 318 -5.69 19.94 1.80
N ALA A 319 -4.73 20.78 1.42
CA ALA A 319 -4.85 21.57 0.19
C ALA A 319 -4.92 20.70 -1.06
N VAL A 320 -4.50 19.44 -0.98
CA VAL A 320 -4.58 18.55 -2.13
C VAL A 320 -5.92 17.84 -2.24
N PHE A 321 -6.74 17.86 -1.17
CA PHE A 321 -7.89 16.98 -1.18
C PHE A 321 -9.05 17.47 -2.04
N PRO A 322 -9.13 18.75 -2.42
CA PRO A 322 -10.11 19.12 -3.46
C PRO A 322 -9.96 18.30 -4.73
N SER A 323 -8.72 18.08 -5.18
CA SER A 323 -8.50 17.26 -6.37
C SER A 323 -8.67 15.77 -6.05
N LEU A 324 -8.10 15.32 -4.92
CA LEU A 324 -8.18 13.89 -4.60
C LEU A 324 -9.61 13.43 -4.41
N LEU A 325 -10.44 14.27 -3.75
CA LEU A 325 -11.84 13.91 -3.52
C LEU A 325 -12.69 14.05 -4.77
N THR A 326 -12.13 14.56 -5.87
CA THR A 326 -12.81 14.58 -7.16
C THR A 326 -12.03 13.81 -8.22
N ASN A 327 -11.04 13.03 -7.80
CA ASN A 327 -10.16 12.38 -8.76
C ASN A 327 -10.94 11.36 -9.59
N PRO A 328 -10.71 11.31 -10.91
CA PRO A 328 -11.47 10.36 -11.73
C PRO A 328 -11.16 8.90 -11.43
N LYS A 329 -10.05 8.60 -10.78
CA LYS A 329 -9.73 7.21 -10.41
C LYS A 329 -10.47 6.87 -9.12
N THR A 330 -11.39 5.90 -9.20
CA THR A 330 -12.24 5.60 -8.06
C THR A 330 -11.43 5.24 -6.81
N ASN A 331 -10.33 4.50 -7.00
CA ASN A 331 -9.53 4.08 -5.85
C ASN A 331 -8.94 5.28 -5.12
N ILE A 332 -8.50 6.30 -5.87
CA ILE A 332 -7.96 7.50 -5.25
C ILE A 332 -9.04 8.20 -4.44
N GLN A 333 -10.24 8.33 -5.01
CA GLN A 333 -11.34 8.97 -4.28
C GLN A 333 -11.65 8.21 -3.00
N LYS A 334 -11.72 6.89 -3.08
CA LYS A 334 -12.03 6.09 -1.90
C LYS A 334 -10.96 6.26 -0.83
N GLU A 335 -9.68 6.15 -1.22
CA GLU A 335 -8.60 6.27 -0.24
C GLU A 335 -8.54 7.67 0.36
N ALA A 336 -8.76 8.70 -0.45
CA ALA A 336 -8.76 10.06 0.06
C ALA A 336 -9.91 10.27 1.04
N THR A 337 -11.08 9.69 0.76
CA THR A 337 -12.20 9.85 1.67
C THR A 337 -11.99 9.08 2.96
N TRP A 338 -11.33 7.92 2.89
CA TRP A 338 -10.96 7.19 4.09
C TRP A 338 -9.97 8.00 4.94
N THR A 339 -8.96 8.59 4.29
CA THR A 339 -8.03 9.48 4.99
C THR A 339 -8.78 10.63 5.66
N MET A 340 -9.72 11.24 4.93
CA MET A 340 -10.51 12.32 5.53
C MET A 340 -11.30 11.82 6.73
N SER A 341 -11.86 10.62 6.64
CA SER A 341 -12.63 10.09 7.76
C SER A 341 -11.76 9.91 9.00
N ASN A 342 -10.49 9.57 8.80
CA ASN A 342 -9.59 9.46 9.94
C ASN A 342 -9.10 10.82 10.41
N ILE A 343 -9.11 11.84 9.56
CA ILE A 343 -8.76 13.18 10.02
C ILE A 343 -9.90 13.80 10.82
N THR A 344 -11.14 13.58 10.38
CA THR A 344 -12.30 14.11 11.12
C THR A 344 -12.53 13.38 12.42
N ALA A 345 -11.85 12.25 12.65
CA ALA A 345 -11.88 11.59 13.95
C ALA A 345 -10.91 12.19 14.94
N GLY A 346 -10.22 13.28 14.56
CA GLY A 346 -9.22 13.90 15.41
C GLY A 346 -9.80 14.99 16.29
N ARG A 347 -8.93 15.94 16.64
CA ARG A 347 -9.29 17.00 17.57
C ARG A 347 -10.23 18.01 16.90
N GLN A 348 -10.85 18.84 17.73
CA GLN A 348 -11.75 19.86 17.20
C GLN A 348 -11.01 20.90 16.36
N ASP A 349 -9.75 21.22 16.72
CA ASP A 349 -8.99 22.14 15.88
C ASP A 349 -8.62 21.51 14.55
N GLN A 350 -8.48 20.19 14.50
CA GLN A 350 -8.21 19.51 13.23
C GLN A 350 -9.46 19.47 12.36
N ILE A 351 -10.62 19.18 12.96
CA ILE A 351 -11.89 19.35 12.25
C ILE A 351 -12.01 20.77 11.72
N GLN A 352 -11.56 21.75 12.52
CA GLN A 352 -11.66 23.14 12.10
C GLN A 352 -10.75 23.43 10.90
N GLN A 353 -9.57 22.81 10.87
CA GLN A 353 -8.72 22.96 9.69
C GLN A 353 -9.34 22.29 8.46
N VAL A 354 -10.03 21.17 8.65
CA VAL A 354 -10.80 20.60 7.55
C VAL A 354 -11.84 21.60 7.05
N VAL A 355 -12.51 22.28 7.97
CA VAL A 355 -13.51 23.28 7.59
C VAL A 355 -12.84 24.43 6.83
N ASN A 356 -11.72 24.94 7.35
CA ASN A 356 -11.09 26.11 6.76
C ASN A 356 -10.60 25.84 5.35
N HIS A 357 -10.14 24.62 5.08
CA HIS A 357 -9.68 24.24 3.74
C HIS A 357 -10.84 24.02 2.77
N GLY A 358 -12.08 24.23 3.22
CA GLY A 358 -13.22 24.12 2.34
C GLY A 358 -13.56 22.71 1.93
N LEU A 359 -13.23 21.73 2.76
CA LEU A 359 -13.39 20.32 2.39
C LEU A 359 -14.76 19.76 2.74
N VAL A 360 -15.56 20.46 3.53
CA VAL A 360 -16.88 19.93 3.90
C VAL A 360 -17.75 19.85 2.64
N PRO A 361 -17.78 20.89 1.79
CA PRO A 361 -18.54 20.74 0.52
C PRO A 361 -18.09 19.56 -0.31
N PHE A 362 -16.79 19.26 -0.31
CA PHE A 362 -16.30 18.10 -1.08
C PHE A 362 -16.80 16.79 -0.47
N LEU A 363 -16.91 16.74 0.87
CA LEU A 363 -17.48 15.55 1.49
C LEU A 363 -18.97 15.43 1.16
N VAL A 364 -19.68 16.55 1.14
CA VAL A 364 -21.08 16.54 0.70
C VAL A 364 -21.17 16.01 -0.73
N GLY A 365 -20.25 16.44 -1.60
CA GLY A 365 -20.27 15.98 -2.97
C GLY A 365 -20.05 14.48 -3.07
N VAL A 366 -19.05 13.97 -2.37
CA VAL A 366 -18.77 12.53 -2.42
C VAL A 366 -19.95 11.74 -1.86
N LEU A 367 -20.56 12.24 -0.78
CA LEU A 367 -21.75 11.60 -0.24
C LEU A 367 -22.90 11.63 -1.25
N SER A 368 -22.99 12.68 -2.07
CA SER A 368 -24.09 12.81 -3.01
C SER A 368 -23.91 11.91 -4.23
N LYS A 369 -22.68 11.76 -4.72
CA LYS A 369 -22.42 10.98 -5.92
C LYS A 369 -21.00 10.46 -5.88
N ALA A 370 -20.85 9.15 -5.87
CA ALA A 370 -19.56 8.48 -5.88
C ALA A 370 -19.83 6.98 -5.89
N ASP A 371 -18.78 6.21 -6.14
CA ASP A 371 -18.87 4.76 -5.94
C ASP A 371 -19.30 4.46 -4.51
N PHE A 372 -20.08 3.38 -4.34
CA PHE A 372 -20.71 3.14 -3.05
C PHE A 372 -19.70 2.99 -1.92
N LYS A 373 -18.55 2.37 -2.19
CA LYS A 373 -17.55 2.22 -1.14
C LYS A 373 -17.01 3.58 -0.70
N THR A 374 -16.78 4.47 -1.67
CA THR A 374 -16.39 5.85 -1.33
C THR A 374 -17.49 6.54 -0.52
N GLN A 375 -18.75 6.32 -0.90
CA GLN A 375 -19.85 6.90 -0.14
C GLN A 375 -19.88 6.38 1.29
N LYS A 376 -19.53 5.11 1.50
CA LYS A 376 -19.47 4.58 2.86
C LYS A 376 -18.34 5.23 3.65
N GLU A 377 -17.18 5.41 3.02
CA GLU A 377 -16.10 6.14 3.67
C GLU A 377 -16.53 7.56 4.03
N ALA A 378 -17.32 8.20 3.16
CA ALA A 378 -17.79 9.54 3.44
C ALA A 378 -18.79 9.56 4.59
N ALA A 379 -19.67 8.56 4.65
CA ALA A 379 -20.57 8.44 5.79
C ALA A 379 -19.78 8.30 7.08
N TRP A 380 -18.72 7.49 7.05
CA TRP A 380 -17.84 7.39 8.22
C TRP A 380 -17.23 8.73 8.58
N ALA A 381 -16.74 9.45 7.58
CA ALA A 381 -16.13 10.76 7.85
C ALA A 381 -17.13 11.70 8.51
N ILE A 382 -18.39 11.65 8.07
CA ILE A 382 -19.41 12.53 8.62
C ILE A 382 -19.75 12.12 10.05
N THR A 383 -19.86 10.82 10.30
CA THR A 383 -20.17 10.37 11.66
C THR A 383 -19.05 10.74 12.63
N ASN A 384 -17.79 10.58 12.20
CA ASN A 384 -16.68 10.99 13.05
C ASN A 384 -16.70 12.50 13.29
N TYR A 385 -16.91 13.28 12.22
CA TYR A 385 -17.05 14.72 12.35
C TYR A 385 -18.08 15.08 13.42
N THR A 386 -19.29 14.50 13.32
CA THR A 386 -20.36 14.86 14.23
C THR A 386 -20.09 14.35 15.64
N SER A 387 -19.36 13.24 15.78
CA SER A 387 -19.04 12.73 17.11
C SER A 387 -18.04 13.63 17.81
N GLY A 388 -17.07 14.17 17.08
CA GLY A 388 -16.02 14.95 17.71
C GLY A 388 -16.17 16.46 17.62
N GLY A 389 -17.07 16.93 16.76
CA GLY A 389 -17.12 18.34 16.46
C GLY A 389 -17.90 19.17 17.47
N THR A 390 -17.62 20.47 17.46
CA THR A 390 -18.40 21.41 18.23
C THR A 390 -19.79 21.58 17.63
N VAL A 391 -20.66 22.27 18.37
CA VAL A 391 -21.99 22.56 17.87
C VAL A 391 -21.92 23.42 16.61
N GLU A 392 -21.05 24.43 16.63
CA GLU A 392 -20.91 25.31 15.47
C GLU A 392 -20.44 24.53 14.24
N GLN A 393 -19.51 23.61 14.42
CA GLN A 393 -19.02 22.82 13.30
C GLN A 393 -20.14 21.93 12.75
N ILE A 394 -20.97 21.36 13.63
CA ILE A 394 -22.03 20.48 13.17
C ILE A 394 -23.11 21.28 12.42
N VAL A 395 -23.46 22.47 12.93
CA VAL A 395 -24.45 23.27 12.22
C VAL A 395 -23.90 23.73 10.88
N TYR A 396 -22.59 24.02 10.81
CA TYR A 396 -21.97 24.32 9.53
C TYR A 396 -22.13 23.15 8.57
N LEU A 397 -21.85 21.94 9.05
CA LEU A 397 -22.06 20.74 8.25
C LEU A 397 -23.48 20.71 7.69
N VAL A 398 -24.46 21.04 8.53
CA VAL A 398 -25.84 21.03 8.05
C VAL A 398 -26.06 22.12 7.00
N HIS A 399 -25.50 23.30 7.22
CA HIS A 399 -25.65 24.39 6.25
C HIS A 399 -25.01 24.07 4.91
N CYS A 400 -24.06 23.14 4.86
CA CYS A 400 -23.44 22.75 3.60
C CYS A 400 -24.26 21.76 2.80
N GLY A 401 -25.38 21.29 3.34
CA GLY A 401 -26.27 20.40 2.63
C GLY A 401 -26.08 18.92 2.89
N ILE A 402 -25.66 18.53 4.09
CA ILE A 402 -25.35 17.13 4.34
C ILE A 402 -26.61 16.29 4.46
N ILE A 403 -27.71 16.87 4.92
CA ILE A 403 -28.86 16.08 5.34
C ILE A 403 -29.46 15.31 4.16
N GLU A 404 -29.66 15.99 3.03
CA GLU A 404 -30.32 15.31 1.91
C GLU A 404 -29.53 14.11 1.41
N PRO A 405 -28.24 14.22 1.08
CA PRO A 405 -27.51 13.02 0.65
C PRO A 405 -27.38 11.98 1.75
N LEU A 406 -27.23 12.41 3.01
CA LEU A 406 -27.16 11.45 4.11
C LEU A 406 -28.43 10.63 4.19
N MET A 407 -29.59 11.26 3.97
CA MET A 407 -30.85 10.54 4.00
C MET A 407 -31.03 9.67 2.77
N ASN A 408 -30.61 10.16 1.60
CA ASN A 408 -30.71 9.34 0.40
C ASN A 408 -29.89 8.06 0.53
N LEU A 409 -28.79 8.11 1.28
CA LEU A 409 -27.98 6.92 1.48
C LEU A 409 -28.66 5.88 2.39
N LEU A 410 -29.69 6.27 3.13
CA LEU A 410 -30.38 5.31 3.98
C LEU A 410 -31.13 4.24 3.19
N SER A 411 -31.23 4.39 1.86
CA SER A 411 -31.86 3.38 1.02
C SER A 411 -30.92 2.23 0.68
N ALA A 412 -29.70 2.24 1.21
CA ALA A 412 -28.72 1.21 0.87
C ALA A 412 -29.03 -0.09 1.62
N LYS A 413 -28.50 -1.19 1.08
CA LYS A 413 -28.70 -2.49 1.70
C LYS A 413 -27.69 -2.76 2.81
N ASP A 414 -26.51 -2.16 2.74
CA ASP A 414 -25.50 -2.37 3.78
C ASP A 414 -26.03 -1.88 5.12
N THR A 415 -25.98 -2.78 6.12
CA THR A 415 -26.49 -2.42 7.44
C THR A 415 -25.54 -1.48 8.17
N LYS A 416 -24.24 -1.61 7.93
CA LYS A 416 -23.27 -0.80 8.67
C LYS A 416 -23.35 0.66 8.27
N ILE A 417 -23.53 0.94 6.98
CA ILE A 417 -23.67 2.33 6.56
C ILE A 417 -24.94 2.93 7.13
N ILE A 418 -26.00 2.12 7.26
CA ILE A 418 -27.24 2.61 7.86
C ILE A 418 -27.00 2.95 9.33
N GLN A 419 -26.30 2.08 10.06
CA GLN A 419 -25.97 2.38 11.44
C GLN A 419 -25.15 3.66 11.55
N VAL A 420 -24.16 3.82 10.67
CA VAL A 420 -23.31 5.00 10.69
C VAL A 420 -24.13 6.26 10.45
N ILE A 421 -25.02 6.20 9.45
CA ILE A 421 -25.84 7.36 9.11
C ILE A 421 -26.77 7.71 10.27
N LEU A 422 -27.35 6.71 10.93
CA LEU A 422 -28.24 6.98 12.04
C LEU A 422 -27.48 7.57 13.23
N ASP A 423 -26.26 7.10 13.48
CA ASP A 423 -25.44 7.71 14.52
C ASP A 423 -25.16 9.17 14.20
N ALA A 424 -24.83 9.47 12.94
CA ALA A 424 -24.58 10.85 12.54
C ALA A 424 -25.83 11.70 12.75
N ILE A 425 -26.99 11.19 12.36
CA ILE A 425 -28.24 11.93 12.52
C ILE A 425 -28.51 12.20 14.00
N SER A 426 -28.26 11.21 14.85
CA SER A 426 -28.44 11.41 16.29
C SER A 426 -27.53 12.52 16.81
N ASN A 427 -26.26 12.51 16.40
CA ASN A 427 -25.34 13.55 16.85
C ASN A 427 -25.80 14.94 16.39
N ILE A 428 -26.25 15.03 15.14
CA ILE A 428 -26.72 16.31 14.62
C ILE A 428 -27.94 16.78 15.39
N PHE A 429 -28.85 15.86 15.71
CA PHE A 429 -30.03 16.22 16.51
C PHE A 429 -29.63 16.68 17.90
N GLN A 430 -28.57 16.09 18.48
CA GLN A 430 -28.12 16.51 19.80
C GLN A 430 -27.60 17.94 19.77
N ALA A 431 -26.80 18.28 18.76
CA ALA A 431 -26.39 19.67 18.60
C ALA A 431 -27.61 20.59 18.47
N ALA A 432 -28.58 20.18 17.65
CA ALA A 432 -29.80 20.97 17.50
C ALA A 432 -30.50 21.17 18.83
N GLU A 433 -30.58 20.11 19.64
CA GLU A 433 -31.14 20.23 20.99
C GLU A 433 -30.43 21.33 21.75
N LYS A 434 -29.09 21.33 21.73
CA LYS A 434 -28.37 22.38 22.43
C LYS A 434 -28.76 23.76 21.94
N LEU A 435 -29.12 23.88 20.66
CA LEU A 435 -29.52 25.18 20.12
C LEU A 435 -31.03 25.41 20.11
N GLY A 436 -31.83 24.43 20.51
CA GLY A 436 -33.28 24.59 20.44
C GLY A 436 -33.80 24.65 19.02
N GLU A 437 -33.09 24.03 18.07
CA GLU A 437 -33.48 24.03 16.67
C GLU A 437 -33.90 22.64 16.21
N THR A 438 -34.25 21.76 17.15
CA THR A 438 -34.64 20.39 16.79
C THR A 438 -35.78 20.38 15.79
N GLU A 439 -36.72 21.31 15.90
CA GLU A 439 -37.88 21.32 15.02
C GLU A 439 -37.48 21.63 13.58
N LYS A 440 -36.57 22.59 13.38
CA LYS A 440 -36.12 22.90 12.03
C LYS A 440 -35.45 21.69 11.40
N LEU A 441 -34.64 20.96 12.17
CA LEU A 441 -33.97 19.78 11.65
C LEU A 441 -34.97 18.67 11.33
N SER A 442 -35.98 18.49 12.19
CA SER A 442 -37.01 17.51 11.89
C SER A 442 -37.76 17.86 10.62
N ILE A 443 -38.10 19.13 10.43
CA ILE A 443 -38.79 19.56 9.22
C ILE A 443 -37.90 19.33 8.00
N MET A 444 -36.61 19.60 8.12
CA MET A 444 -35.69 19.38 7.01
C MET A 444 -35.63 17.91 6.64
N ILE A 445 -35.51 17.04 7.65
CA ILE A 445 -35.43 15.60 7.38
C ILE A 445 -36.73 15.10 6.77
N GLU A 446 -37.87 15.65 7.22
CA GLU A 446 -39.16 15.23 6.67
C GLU A 446 -39.33 15.72 5.23
N GLU A 447 -38.79 16.89 4.91
CA GLU A 447 -38.95 17.44 3.56
C GLU A 447 -38.13 16.67 2.54
N CYS A 448 -36.92 16.25 2.91
CA CYS A 448 -36.08 15.49 2.00
C CYS A 448 -36.51 14.03 1.88
N GLY A 449 -37.45 13.58 2.70
CA GLY A 449 -37.93 12.21 2.64
C GLY A 449 -37.22 11.25 3.56
N GLY A 450 -36.49 11.74 4.57
CA GLY A 450 -35.75 10.84 5.45
C GLY A 450 -36.62 10.20 6.51
N LEU A 451 -37.69 10.88 6.92
CA LEU A 451 -38.57 10.32 7.95
C LEU A 451 -39.19 9.00 7.47
N ASP A 452 -39.56 8.95 6.19
CA ASP A 452 -40.08 7.69 5.63
C ASP A 452 -39.04 6.59 5.72
N LYS A 453 -37.78 6.90 5.39
CA LYS A 453 -36.73 5.88 5.44
C LYS A 453 -36.49 5.41 6.86
N ILE A 454 -36.56 6.32 7.83
CA ILE A 454 -36.33 5.94 9.22
C ILE A 454 -37.48 5.09 9.75
N GLU A 455 -38.72 5.49 9.45
CA GLU A 455 -39.86 4.70 9.90
C GLU A 455 -39.91 3.34 9.20
N ALA A 456 -39.33 3.25 8.01
CA ALA A 456 -39.23 1.94 7.35
C ALA A 456 -38.13 1.10 8.00
N LEU A 457 -37.00 1.71 8.33
CA LEU A 457 -35.94 1.00 9.05
C LEU A 457 -36.41 0.51 10.40
N GLN A 458 -37.42 1.16 10.98
CA GLN A 458 -38.01 0.64 12.21
C GLN A 458 -38.37 -0.85 12.09
N ARG A 459 -38.58 -1.34 10.87
CA ARG A 459 -38.85 -2.74 10.61
C ARG A 459 -37.65 -3.47 10.00
N HIS A 460 -36.45 -3.07 10.41
CA HIS A 460 -35.22 -3.64 9.86
C HIS A 460 -34.81 -4.88 10.64
N GLU A 461 -34.11 -5.78 9.95
CA GLU A 461 -33.75 -7.06 10.57
C GLU A 461 -32.74 -6.86 11.69
N ASN A 462 -31.78 -5.97 11.51
CA ASN A 462 -30.76 -5.75 12.52
C ASN A 462 -31.36 -5.08 13.76
N GLU A 463 -30.84 -5.45 14.93
CA GLU A 463 -31.37 -4.92 16.18
C GLU A 463 -30.96 -3.46 16.38
N SER A 464 -29.69 -3.13 16.08
CA SER A 464 -29.22 -1.78 16.32
C SER A 464 -29.96 -0.77 15.44
N VAL A 465 -30.15 -1.08 14.16
CA VAL A 465 -30.89 -0.18 13.27
C VAL A 465 -32.32 0.00 13.77
N TYR A 466 -32.98 -1.11 14.07
CA TYR A 466 -34.31 -1.09 14.67
C TYR A 466 -34.38 -0.10 15.83
N LYS A 467 -33.51 -0.29 16.83
CA LYS A 467 -33.59 0.50 18.05
C LYS A 467 -33.24 1.97 17.80
N ALA A 468 -32.24 2.23 16.95
CA ALA A 468 -31.84 3.61 16.69
C ALA A 468 -32.93 4.37 15.95
N SER A 469 -33.54 3.74 14.94
CA SER A 469 -34.64 4.39 14.23
C SER A 469 -35.81 4.65 15.16
N LEU A 470 -36.15 3.67 16.00
CA LEU A 470 -37.24 3.90 16.96
C LEU A 470 -36.92 5.06 17.89
N ASN A 471 -35.68 5.12 18.39
CA ASN A 471 -35.30 6.22 19.26
C ASN A 471 -35.45 7.57 18.56
N LEU A 472 -34.93 7.67 17.33
CA LEU A 472 -35.03 8.93 16.60
C LEU A 472 -36.48 9.34 16.42
N ILE A 473 -37.33 8.42 15.98
CA ILE A 473 -38.73 8.77 15.72
C ILE A 473 -39.44 9.17 17.00
N GLU A 474 -39.23 8.40 18.08
CA GLU A 474 -39.92 8.70 19.33
C GLU A 474 -39.39 9.96 20.00
N LYS A 475 -38.17 10.38 19.70
CA LYS A 475 -37.57 11.52 20.38
C LYS A 475 -37.70 12.82 19.61
N TYR A 476 -37.78 12.79 18.27
CA TYR A 476 -37.84 14.01 17.49
C TYR A 476 -38.98 14.06 16.49
N PHE A 477 -39.60 12.94 16.14
CA PHE A 477 -40.69 12.93 15.17
C PHE A 477 -41.97 12.39 15.79
N ALA B 3 -15.65 8.55 17.97
CA ALA B 3 -14.79 8.94 16.85
C ALA B 3 -13.39 8.35 17.02
N ARG B 4 -13.19 7.13 16.54
CA ARG B 4 -11.92 6.43 16.63
C ARG B 4 -11.39 6.15 15.22
N LYS B 5 -10.07 6.00 15.13
CA LYS B 5 -9.43 5.77 13.84
C LYS B 5 -9.77 4.38 13.31
N ARG B 6 -9.77 4.26 11.98
CA ARG B 6 -10.05 3.02 11.29
C ARG B 6 -8.91 2.72 10.32
N SER B 7 -8.33 1.53 10.45
CA SER B 7 -7.21 1.14 9.60
C SER B 7 -7.68 0.40 8.35
N SER C 9 2.66 -2.14 -6.58
CA SER C 9 3.96 -2.78 -6.73
C SER C 9 3.80 -4.30 -6.64
N PRO C 10 4.40 -5.04 -7.59
CA PRO C 10 4.24 -6.49 -7.58
C PRO C 10 5.07 -7.15 -6.49
N THR C 11 4.56 -8.25 -5.95
CA THR C 11 5.32 -9.01 -4.98
C THR C 11 6.51 -9.71 -5.64
N LYS C 12 6.32 -10.21 -6.86
CA LYS C 12 7.36 -10.92 -7.60
C LYS C 12 7.33 -10.47 -9.05
N LYS C 13 8.48 -10.59 -9.71
CA LYS C 13 8.65 -10.15 -11.09
C LYS C 13 9.48 -11.17 -11.86
N LEU C 14 9.01 -11.54 -13.04
CA LEU C 14 9.78 -12.39 -13.95
C LEU C 14 10.57 -11.50 -14.90
N ARG C 15 11.83 -11.89 -15.16
CA ARG C 15 12.65 -11.16 -16.12
C ARG C 15 12.50 -11.80 -17.49
N TYR C 16 11.91 -11.07 -18.43
CA TYR C 16 11.68 -11.56 -19.78
C TYR C 16 12.84 -11.17 -20.71
#